data_3TIW
#
_entry.id   3TIW
#
_cell.length_a   70.240
_cell.length_b   70.240
_cell.length_c   74.820
_cell.angle_alpha   90.000
_cell.angle_beta   90.000
_cell.angle_gamma   120.000
#
_symmetry.space_group_name_H-M   'P 32'
#
loop_
_entity.id
_entity.type
_entity.pdbx_description
1 polymer 'Transitional endoplasmic reticulum ATPase'
2 polymer 'E3 ubiquitin-protein ligase AMFR'
3 non-polymer 'CHLORIDE ION'
4 water water
#
loop_
_entity_poly.entity_id
_entity_poly.type
_entity_poly.pdbx_seq_one_letter_code
_entity_poly.pdbx_strand_id
1 'polypeptide(L)'
;MASGSDTKSDDLSTAILKQKSRPNRLIVDEAINEDNSVVSLSQPKMDELQLFRGDTVLLKGKKRREAVCIVLSDDTCSDE
KIRMNRVVRNNLRVRLGDVISIQPCPDVKYGKRIHVLPIDDTVEGITGNLFEVYLKPYFLEAYRPIRKGDIFLVRGGMRA
VEFKVVETDPSPYCIVAPDTVIHCEGE
;
A,B
2 'polypeptide(L)' VTLRRRMLAAAAERRLQKQ C,D
#
# COMPACT_ATOMS: atom_id res chain seq x y z
N ARG A 22 -11.25 -9.94 -22.11
CA ARG A 22 -10.11 -9.49 -21.31
C ARG A 22 -10.09 -7.95 -21.18
N PRO A 23 -9.28 -7.42 -20.25
CA PRO A 23 -9.24 -5.98 -19.99
C PRO A 23 -8.70 -5.23 -21.20
N ASN A 24 -8.84 -3.91 -21.21
CA ASN A 24 -8.32 -3.12 -22.32
C ASN A 24 -6.95 -2.54 -22.03
N ARG A 25 -5.96 -2.91 -22.83
CA ARG A 25 -4.56 -2.63 -22.47
C ARG A 25 -3.82 -1.70 -23.43
N LEU A 26 -2.94 -0.89 -22.84
CA LEU A 26 -2.21 0.15 -23.57
C LEU A 26 -0.77 0.26 -23.06
N ILE A 27 0.12 0.77 -23.89
CA ILE A 27 1.53 0.93 -23.53
C ILE A 27 1.78 2.31 -22.95
N VAL A 28 2.41 2.34 -21.78
CA VAL A 28 2.72 3.61 -21.11
C VAL A 28 3.69 4.45 -21.93
N ASP A 29 3.28 5.67 -22.24
CA ASP A 29 4.12 6.61 -22.95
C ASP A 29 4.25 7.87 -22.11
N GLU A 30 5.19 8.72 -22.47
CA GLU A 30 5.47 9.95 -21.73
CA GLU A 30 5.45 9.94 -21.71
C GLU A 30 4.48 11.06 -22.08
N ALA A 31 4.10 11.87 -21.11
CA ALA A 31 3.22 13.00 -21.36
C ALA A 31 4.03 14.26 -21.64
N ILE A 32 3.56 15.05 -22.59
CA ILE A 32 4.15 16.35 -22.85
C ILE A 32 3.31 17.43 -22.15
N ASN A 33 2.03 17.14 -21.97
CA ASN A 33 1.18 17.86 -21.03
C ASN A 33 1.39 17.31 -19.62
N GLU A 34 1.84 18.16 -18.71
CA GLU A 34 2.16 17.72 -17.37
C GLU A 34 1.04 17.97 -16.36
N ASP A 35 -0.18 17.53 -16.70
CA ASP A 35 -1.32 17.63 -15.80
C ASP A 35 -1.48 16.32 -15.02
N ASN A 36 -1.54 16.41 -13.71
CA ASN A 36 -1.63 15.21 -12.86
C ASN A 36 -2.90 14.40 -13.09
N SER A 37 -3.96 15.06 -13.54
CA SER A 37 -5.29 14.47 -13.59
C SER A 37 -5.70 13.88 -14.94
N VAL A 38 -4.84 14.03 -15.95
CA VAL A 38 -5.21 13.66 -17.30
C VAL A 38 -4.33 12.56 -17.87
N VAL A 39 -4.96 11.64 -18.60
CA VAL A 39 -4.25 10.73 -19.49
C VAL A 39 -4.74 10.96 -20.92
N SER A 40 -3.87 10.74 -21.90
CA SER A 40 -4.24 10.99 -23.28
C SER A 40 -4.22 9.71 -24.09
N LEU A 41 -5.22 9.56 -24.96
CA LEU A 41 -5.27 8.46 -25.91
C LEU A 41 -5.44 9.04 -27.29
N SER A 42 -5.25 8.20 -28.31
CA SER A 42 -5.55 8.59 -29.67
C SER A 42 -7.06 8.59 -29.86
N GLN A 43 -7.58 9.48 -30.69
CA GLN A 43 -9.01 9.50 -30.92
C GLN A 43 -9.52 8.16 -31.45
N PRO A 44 -8.78 7.52 -32.38
CA PRO A 44 -9.19 6.20 -32.84
C PRO A 44 -9.33 5.18 -31.70
N LYS A 45 -8.40 5.17 -30.76
CA LYS A 45 -8.49 4.26 -29.62
C LYS A 45 -9.68 4.61 -28.71
N MET A 46 -9.98 5.90 -28.60
CA MET A 46 -11.11 6.33 -27.79
C MET A 46 -12.40 5.85 -28.41
N ASP A 47 -12.53 6.02 -29.72
CA ASP A 47 -13.69 5.52 -30.46
C ASP A 47 -13.90 4.05 -30.15
N GLU A 48 -12.84 3.28 -30.34
CA GLU A 48 -12.87 1.84 -30.12
C GLU A 48 -13.34 1.51 -28.73
N LEU A 49 -12.81 2.23 -27.75
CA LEU A 49 -13.10 1.93 -26.35
C LEU A 49 -14.37 2.62 -25.89
N GLN A 50 -14.96 3.40 -26.76
CA GLN A 50 -16.16 4.15 -26.43
C GLN A 50 -15.93 5.03 -25.21
N LEU A 51 -14.80 5.73 -25.22
CA LEU A 51 -14.48 6.73 -24.22
C LEU A 51 -14.65 8.08 -24.85
N PHE A 52 -15.04 9.07 -24.06
CA PHE A 52 -15.26 10.42 -24.59
C PHE A 52 -14.56 11.48 -23.75
N ARG A 53 -14.33 12.64 -24.35
CA ARG A 53 -13.57 13.68 -23.67
C ARG A 53 -14.16 13.99 -22.30
N GLY A 54 -13.31 13.89 -21.28
CA GLY A 54 -13.71 14.20 -19.92
C GLY A 54 -14.14 13.00 -19.11
N ASP A 55 -14.30 11.86 -19.76
CA ASP A 55 -14.71 10.64 -19.07
C ASP A 55 -13.70 10.29 -17.99
N THR A 56 -14.19 9.91 -16.82
CA THR A 56 -13.28 9.40 -15.81
C THR A 56 -13.00 7.93 -16.12
N VAL A 57 -11.73 7.56 -15.99
CA VAL A 57 -11.30 6.19 -16.27
C VAL A 57 -10.53 5.64 -15.08
N LEU A 58 -10.65 4.34 -14.88
CA LEU A 58 -9.91 3.64 -13.84
C LEU A 58 -8.74 2.94 -14.51
N LEU A 59 -7.53 3.28 -14.07
CA LEU A 59 -6.34 2.69 -14.64
C LEU A 59 -5.81 1.70 -13.65
N LYS A 60 -5.32 0.56 -14.15
CA LYS A 60 -4.72 -0.45 -13.29
C LYS A 60 -3.27 -0.73 -13.68
N GLY A 61 -2.39 -0.64 -12.70
CA GLY A 61 -0.97 -0.86 -12.92
C GLY A 61 -0.47 -2.10 -12.22
N LYS A 62 0.70 -1.97 -11.60
CA LYS A 62 1.34 -3.09 -10.91
C LYS A 62 1.11 -2.96 -9.40
N LYS A 63 1.27 -4.07 -8.68
CA LYS A 63 1.14 -4.07 -7.22
C LYS A 63 -0.27 -3.67 -6.81
N ARG A 64 -1.24 -4.17 -7.57
CA ARG A 64 -2.66 -3.87 -7.36
C ARG A 64 -2.94 -2.37 -7.15
N ARG A 65 -2.13 -1.54 -7.79
CA ARG A 65 -2.31 -0.10 -7.74
C ARG A 65 -3.34 0.33 -8.77
N GLU A 66 -4.11 1.36 -8.43
CA GLU A 66 -5.11 1.94 -9.31
C GLU A 66 -4.94 3.44 -9.35
N ALA A 67 -5.43 4.06 -10.42
CA ALA A 67 -5.47 5.51 -10.50
C ALA A 67 -6.74 5.90 -11.21
N VAL A 68 -7.28 7.07 -10.90
CA VAL A 68 -8.46 7.57 -11.59
C VAL A 68 -8.15 8.89 -12.27
N CYS A 69 -8.36 8.96 -13.57
CA CYS A 69 -8.02 10.15 -14.33
C CYS A 69 -9.11 10.51 -15.33
N ILE A 70 -9.00 11.71 -15.87
CA ILE A 70 -9.83 12.16 -16.96
C ILE A 70 -9.13 11.73 -18.23
N VAL A 71 -9.89 11.35 -19.26
CA VAL A 71 -9.29 11.00 -20.53
C VAL A 71 -9.48 12.12 -21.57
N LEU A 72 -8.41 12.45 -22.29
CA LEU A 72 -8.51 13.37 -23.43
C LEU A 72 -7.83 12.81 -24.68
N SER A 73 -8.34 13.16 -25.84
CA SER A 73 -7.72 12.73 -27.09
C SER A 73 -6.43 13.49 -27.30
N ASP A 74 -5.54 12.88 -28.07
CA ASP A 74 -4.22 13.43 -28.30
C ASP A 74 -3.84 12.92 -29.68
N ASP A 75 -3.79 13.81 -30.67
CA ASP A 75 -3.46 13.44 -32.04
CA ASP A 75 -3.49 13.39 -32.02
C ASP A 75 -2.01 12.98 -32.18
N THR A 76 -1.23 13.18 -31.13
CA THR A 76 0.17 12.78 -31.14
C THR A 76 0.36 11.41 -30.53
N CYS A 77 -0.73 10.77 -30.13
CA CYS A 77 -0.65 9.51 -29.40
C CYS A 77 -0.90 8.32 -30.33
N SER A 78 -0.02 7.32 -30.28
CA SER A 78 -0.20 6.12 -31.09
C SER A 78 -1.38 5.36 -30.52
N ASP A 79 -2.15 4.75 -31.40
CA ASP A 79 -3.36 4.06 -30.97
C ASP A 79 -3.13 3.15 -29.78
N GLU A 80 -1.99 2.46 -29.77
CA GLU A 80 -1.73 1.44 -28.77
C GLU A 80 -1.07 1.99 -27.50
N LYS A 81 -0.88 3.30 -27.44
CA LYS A 81 -0.18 3.90 -26.32
C LYS A 81 -1.06 4.84 -25.50
N ILE A 82 -0.60 5.13 -24.28
CA ILE A 82 -1.28 6.08 -23.41
C ILE A 82 -0.25 7.05 -22.82
N ARG A 83 -0.50 8.35 -22.98
CA ARG A 83 0.38 9.37 -22.41
C ARG A 83 -0.05 9.72 -21.00
N MET A 84 0.87 9.55 -20.04
CA MET A 84 0.61 9.90 -18.65
C MET A 84 1.89 10.42 -18.04
N ASN A 85 1.78 11.37 -17.10
CA ASN A 85 2.96 11.97 -16.50
C ASN A 85 3.57 11.11 -15.40
N ARG A 86 4.67 11.56 -14.80
CA ARG A 86 5.37 10.72 -13.84
C ARG A 86 4.60 10.49 -12.56
N VAL A 87 3.79 11.48 -12.18
CA VAL A 87 2.91 11.34 -11.02
C VAL A 87 1.97 10.13 -11.18
N VAL A 88 1.24 10.11 -12.29
CA VAL A 88 0.37 8.97 -12.59
C VAL A 88 1.16 7.67 -12.71
N ARG A 89 2.24 7.69 -13.48
CA ARG A 89 3.06 6.49 -13.62
C ARG A 89 3.48 5.99 -12.26
N ASN A 90 3.97 6.91 -11.42
CA ASN A 90 4.42 6.54 -10.08
C ASN A 90 3.33 5.93 -9.24
N ASN A 91 2.13 6.49 -9.34
CA ASN A 91 0.99 5.96 -8.61
C ASN A 91 0.60 4.55 -9.01
N LEU A 92 0.82 4.23 -10.28
CA LEU A 92 0.48 2.93 -10.82
C LEU A 92 1.65 1.94 -10.73
N ARG A 93 2.78 2.42 -10.19
CA ARG A 93 4.02 1.65 -10.14
C ARG A 93 4.43 1.13 -11.51
N VAL A 94 4.43 2.00 -12.50
CA VAL A 94 4.84 1.60 -13.83
C VAL A 94 5.91 2.52 -14.40
N ARG A 95 6.60 2.02 -15.41
CA ARG A 95 7.61 2.78 -16.14
C ARG A 95 7.20 2.93 -17.59
N LEU A 96 7.77 3.90 -18.27
CA LEU A 96 7.56 4.02 -19.70
C LEU A 96 7.73 2.63 -20.35
N GLY A 97 6.83 2.28 -21.25
CA GLY A 97 6.95 1.03 -21.98
C GLY A 97 6.23 -0.14 -21.32
N ASP A 98 5.81 0.04 -20.06
CA ASP A 98 5.01 -0.96 -19.39
C ASP A 98 3.59 -0.98 -19.95
N VAL A 99 2.82 -1.99 -19.56
CA VAL A 99 1.42 -2.07 -19.98
CA VAL A 99 1.42 -2.08 -19.97
C VAL A 99 0.50 -1.89 -18.78
N ILE A 100 -0.59 -1.16 -19.00
CA ILE A 100 -1.60 -0.92 -17.98
C ILE A 100 -2.96 -1.31 -18.57
N SER A 101 -3.98 -1.39 -17.74
CA SER A 101 -5.33 -1.54 -18.27
C SER A 101 -6.13 -0.27 -18.02
N ILE A 102 -7.08 0.00 -18.90
CA ILE A 102 -7.94 1.15 -18.75
C ILE A 102 -9.39 0.72 -18.95
N GLN A 103 -10.25 1.14 -18.03
CA GLN A 103 -11.69 0.87 -18.12
C GLN A 103 -12.47 2.10 -17.67
N PRO A 104 -13.70 2.25 -18.16
CA PRO A 104 -14.51 3.39 -17.77
C PRO A 104 -14.77 3.35 -16.27
N CYS A 105 -14.94 4.51 -15.66
CA CYS A 105 -15.27 4.60 -14.26
C CYS A 105 -16.39 5.61 -14.09
N PRO A 106 -17.60 5.26 -14.55
CA PRO A 106 -18.71 6.20 -14.64
C PRO A 106 -19.44 6.45 -13.31
N ASP A 107 -19.11 5.71 -12.26
CA ASP A 107 -19.82 5.87 -10.99
C ASP A 107 -19.14 6.84 -10.01
N VAL A 108 -18.15 7.60 -10.46
CA VAL A 108 -17.44 8.53 -9.58
C VAL A 108 -18.37 9.63 -9.07
N LYS A 109 -18.31 9.90 -7.77
CA LYS A 109 -19.12 10.95 -7.17
C LYS A 109 -18.32 12.23 -6.93
N TYR A 110 -19.02 13.33 -6.67
CA TYR A 110 -18.38 14.55 -6.21
C TYR A 110 -17.90 14.34 -4.79
N GLY A 111 -16.71 14.83 -4.48
CA GLY A 111 -16.18 14.70 -3.13
C GLY A 111 -16.85 15.62 -2.14
N LYS A 112 -17.23 15.07 -0.99
CA LYS A 112 -17.76 15.89 0.09
C LYS A 112 -16.60 16.38 0.94
N ARG A 113 -15.69 15.47 1.25
CA ARG A 113 -14.55 15.78 2.09
C ARG A 113 -13.34 14.94 1.75
N ILE A 114 -12.17 15.58 1.69
CA ILE A 114 -10.91 14.85 1.48
C ILE A 114 -9.85 15.14 2.54
N HIS A 115 -9.03 14.14 2.83
CA HIS A 115 -7.95 14.28 3.78
C HIS A 115 -6.61 14.10 3.07
N VAL A 116 -5.86 15.19 2.95
CA VAL A 116 -4.56 15.14 2.29
C VAL A 116 -3.47 15.55 3.27
N LEU A 117 -2.32 14.90 3.17
CA LEU A 117 -1.14 15.26 3.96
C LEU A 117 0.02 15.52 3.03
N PRO A 118 0.86 16.50 3.39
CA PRO A 118 2.11 16.71 2.66
C PRO A 118 3.14 15.65 3.06
N ILE A 119 4.01 15.26 2.14
CA ILE A 119 5.11 14.34 2.45
C ILE A 119 6.23 15.13 3.14
N ASP A 120 6.39 14.91 4.45
CA ASP A 120 7.19 15.83 5.31
C ASP A 120 8.71 15.82 5.12
N ASP A 121 9.19 15.09 4.13
CA ASP A 121 10.61 15.08 3.82
C ASP A 121 10.89 15.89 2.56
N THR A 127 7.77 25.67 4.42
CA THR A 127 6.92 26.52 5.24
C THR A 127 5.94 27.35 4.41
N GLY A 128 4.94 27.90 5.08
CA GLY A 128 3.88 28.66 4.43
C GLY A 128 2.55 27.99 4.64
N ASN A 129 1.50 28.56 4.05
CA ASN A 129 0.21 27.90 4.07
C ASN A 129 0.17 26.88 2.92
N LEU A 130 0.12 25.60 3.28
CA LEU A 130 -0.01 24.52 2.31
C LEU A 130 -1.28 24.70 1.50
N PHE A 131 -2.36 25.07 2.20
CA PHE A 131 -3.63 25.28 1.53
C PHE A 131 -3.53 26.45 0.56
N GLU A 132 -3.24 27.62 1.10
CA GLU A 132 -3.24 28.84 0.27
C GLU A 132 -2.23 28.82 -0.87
N VAL A 133 -1.07 28.22 -0.62
CA VAL A 133 0.03 28.22 -1.60
C VAL A 133 0.00 27.05 -2.58
N TYR A 134 -0.49 25.91 -2.11
CA TYR A 134 -0.43 24.69 -2.91
C TYR A 134 -1.80 24.10 -3.25
N LEU A 135 -2.56 23.74 -2.23
CA LEU A 135 -3.76 22.93 -2.44
C LEU A 135 -4.89 23.70 -3.11
N LYS A 136 -5.15 24.92 -2.66
CA LYS A 136 -6.25 25.69 -3.21
C LYS A 136 -6.02 25.99 -4.69
N PRO A 137 -4.83 26.45 -5.05
CA PRO A 137 -4.58 26.79 -6.46
C PRO A 137 -4.66 25.53 -7.33
N TYR A 138 -4.14 24.43 -6.80
CA TYR A 138 -4.15 23.16 -7.50
C TYR A 138 -5.58 22.73 -7.82
N PHE A 139 -6.45 22.72 -6.81
CA PHE A 139 -7.79 22.16 -6.97
C PHE A 139 -8.84 23.14 -7.51
N LEU A 140 -8.57 24.43 -7.39
CA LEU A 140 -9.56 25.46 -7.68
C LEU A 140 -10.27 25.32 -9.02
N GLU A 141 -11.57 24.99 -8.98
CA GLU A 141 -12.39 24.88 -10.19
C GLU A 141 -11.77 23.93 -11.20
N ALA A 142 -10.93 23.03 -10.70
CA ALA A 142 -10.16 22.14 -11.55
C ALA A 142 -10.88 20.81 -11.78
N TYR A 143 -11.80 20.47 -10.86
CA TYR A 143 -12.58 19.23 -10.90
C TYR A 143 -11.73 17.98 -11.13
N ARG A 144 -10.64 17.88 -10.37
CA ARG A 144 -9.74 16.75 -10.49
C ARG A 144 -10.28 15.53 -9.77
N PRO A 145 -10.32 14.38 -10.47
CA PRO A 145 -10.60 13.10 -9.81
C PRO A 145 -9.38 12.64 -9.03
N ILE A 146 -9.58 12.18 -7.81
CA ILE A 146 -8.46 11.67 -7.03
C ILE A 146 -8.85 10.32 -6.43
N ARG A 147 -7.83 9.56 -6.07
CA ARG A 147 -8.05 8.29 -5.40
C ARG A 147 -7.31 8.27 -4.08
N LYS A 148 -7.94 7.71 -3.07
CA LYS A 148 -7.25 7.44 -1.81
C LYS A 148 -5.94 6.72 -2.12
N GLY A 149 -4.86 7.20 -1.51
CA GLY A 149 -3.56 6.59 -1.69
C GLY A 149 -2.72 7.27 -2.76
N ASP A 150 -3.35 8.12 -3.57
CA ASP A 150 -2.60 8.92 -4.55
C ASP A 150 -1.52 9.73 -3.86
N ILE A 151 -0.35 9.79 -4.48
CA ILE A 151 0.62 10.85 -4.18
C ILE A 151 0.67 11.78 -5.38
N PHE A 152 0.46 13.06 -5.13
CA PHE A 152 0.52 14.02 -6.22
C PHE A 152 1.45 15.16 -5.90
N LEU A 153 1.98 15.76 -6.96
CA LEU A 153 2.95 16.85 -6.84
C LEU A 153 2.29 18.17 -7.21
N VAL A 154 2.42 19.17 -6.34
CA VAL A 154 1.89 20.49 -6.65
C VAL A 154 3.03 21.50 -6.74
N ARG A 155 3.08 22.21 -7.87
CA ARG A 155 4.04 23.29 -8.06
C ARG A 155 3.54 24.53 -7.34
N GLY A 156 4.45 25.35 -6.84
CA GLY A 156 4.05 26.59 -6.20
C GLY A 156 5.08 27.10 -5.23
N GLY A 157 5.09 28.42 -5.03
CA GLY A 157 6.02 29.06 -4.10
C GLY A 157 7.47 28.68 -4.33
N MET A 158 7.94 28.84 -5.56
CA MET A 158 9.33 28.50 -5.92
C MET A 158 9.59 26.99 -5.86
N ARG A 159 9.27 26.38 -4.73
CA ARG A 159 9.45 24.94 -4.53
C ARG A 159 8.32 24.16 -5.19
N ALA A 160 8.19 22.91 -4.80
CA ALA A 160 7.09 22.06 -5.24
C ALA A 160 6.94 20.99 -4.20
N VAL A 161 5.71 20.65 -3.85
CA VAL A 161 5.45 19.71 -2.76
C VAL A 161 4.58 18.53 -3.18
N GLU A 162 4.86 17.37 -2.60
CA GLU A 162 4.02 16.21 -2.80
C GLU A 162 3.04 16.01 -1.66
N PHE A 163 1.82 15.59 -2.00
CA PHE A 163 0.82 15.25 -1.00
C PHE A 163 0.31 13.83 -1.19
N LYS A 164 -0.03 13.17 -0.09
CA LYS A 164 -0.67 11.86 -0.14
C LYS A 164 -2.17 11.98 0.17
N VAL A 165 -3.00 11.37 -0.66
CA VAL A 165 -4.45 11.37 -0.39
C VAL A 165 -4.76 10.29 0.63
N VAL A 166 -4.97 10.70 1.87
CA VAL A 166 -5.19 9.76 2.98
C VAL A 166 -6.61 9.17 2.97
N GLU A 167 -7.59 10.00 2.68
CA GLU A 167 -9.00 9.63 2.72
C GLU A 167 -9.85 10.49 1.78
N THR A 168 -10.87 9.89 1.17
CA THR A 168 -11.90 10.64 0.43
C THR A 168 -13.30 10.23 0.88
N ASP A 169 -14.25 11.12 0.68
CA ASP A 169 -15.65 10.80 0.94
C ASP A 169 -16.49 11.46 -0.14
N PRO A 170 -17.10 10.64 -1.01
CA PRO A 170 -17.14 9.17 -0.97
C PRO A 170 -15.80 8.48 -1.23
N SER A 171 -15.70 7.23 -0.82
CA SER A 171 -14.50 6.41 -0.99
C SER A 171 -14.68 5.39 -2.13
N PRO A 172 -13.58 4.96 -2.76
CA PRO A 172 -12.19 5.37 -2.54
C PRO A 172 -11.76 6.48 -3.50
N TYR A 173 -12.70 6.99 -4.29
CA TYR A 173 -12.38 8.07 -5.22
C TYR A 173 -13.53 9.05 -5.36
N CYS A 174 -13.20 10.24 -5.83
CA CYS A 174 -14.19 11.31 -5.97
C CYS A 174 -13.65 12.41 -6.85
N ILE A 175 -14.52 13.31 -7.27
CA ILE A 175 -14.12 14.48 -8.02
C ILE A 175 -14.06 15.65 -7.06
N VAL A 176 -12.92 16.33 -7.00
CA VAL A 176 -12.76 17.42 -6.04
C VAL A 176 -13.38 18.70 -6.59
N ALA A 177 -14.52 19.06 -6.02
CA ALA A 177 -15.35 20.14 -6.52
C ALA A 177 -15.12 21.40 -5.70
N PRO A 178 -15.64 22.55 -6.17
CA PRO A 178 -15.45 23.82 -5.44
C PRO A 178 -15.97 23.79 -4.00
N ASP A 179 -16.91 22.90 -3.70
CA ASP A 179 -17.46 22.79 -2.36
C ASP A 179 -16.81 21.69 -1.50
N THR A 180 -15.83 21.01 -2.07
CA THR A 180 -15.17 19.92 -1.37
C THR A 180 -14.32 20.44 -0.20
N VAL A 181 -14.48 19.83 0.97
CA VAL A 181 -13.77 20.28 2.16
C VAL A 181 -12.46 19.55 2.29
N ILE A 182 -11.36 20.28 2.40
CA ILE A 182 -10.05 19.66 2.62
C ILE A 182 -9.58 19.77 4.05
N HIS A 183 -9.09 18.66 4.58
CA HIS A 183 -8.32 18.68 5.80
C HIS A 183 -6.88 18.33 5.44
N CYS A 184 -5.97 19.23 5.78
CA CYS A 184 -4.54 19.02 5.55
CA CYS A 184 -4.54 18.98 5.57
C CYS A 184 -3.78 18.96 6.88
N GLU A 185 -3.84 17.81 7.56
CA GLU A 185 -3.20 17.58 8.86
C GLU A 185 -3.60 16.26 9.51
N GLY A 186 -2.78 15.76 10.45
CA GLY A 186 -3.11 14.57 11.21
C GLY A 186 -2.85 13.27 10.47
N VAL B 1 -29.30 22.61 -19.02
CA VAL B 1 -28.43 21.74 -18.24
C VAL B 1 -27.16 21.40 -19.02
N THR B 2 -26.16 20.90 -18.30
CA THR B 2 -24.91 20.54 -18.94
C THR B 2 -24.49 19.14 -18.50
N LEU B 3 -23.59 18.55 -19.27
CA LEU B 3 -23.12 17.19 -19.05
C LEU B 3 -21.82 17.23 -18.27
N ARG B 4 -21.70 16.41 -17.22
CA ARG B 4 -20.57 16.50 -16.32
C ARG B 4 -19.22 16.32 -17.00
N ARG B 5 -19.11 15.35 -17.90
CA ARG B 5 -17.79 15.03 -18.46
C ARG B 5 -17.25 16.22 -19.24
N ARG B 6 -18.14 17.00 -19.84
CA ARG B 6 -17.74 18.19 -20.55
C ARG B 6 -17.15 19.26 -19.63
N MET B 7 -17.67 19.37 -18.42
CA MET B 7 -17.12 20.33 -17.46
C MET B 7 -15.71 19.92 -17.02
N LEU B 8 -15.54 18.64 -16.75
CA LEU B 8 -14.25 18.09 -16.40
C LEU B 8 -13.23 18.26 -17.53
N ALA B 9 -13.63 17.99 -18.77
CA ALA B 9 -12.76 18.16 -19.91
C ALA B 9 -12.37 19.63 -20.12
N ALA B 10 -13.33 20.53 -20.03
CA ALA B 10 -13.08 21.95 -20.31
C ALA B 10 -12.09 22.57 -19.33
N ALA B 11 -12.16 22.15 -18.07
CA ALA B 11 -11.26 22.63 -17.05
C ALA B 11 -9.85 22.17 -17.34
N ALA B 12 -9.72 20.94 -17.82
CA ALA B 12 -8.42 20.35 -18.12
C ALA B 12 -7.81 21.00 -19.35
N GLU B 13 -8.66 21.26 -20.34
CA GLU B 13 -8.22 21.91 -21.57
C GLU B 13 -7.73 23.33 -21.29
N ARG B 14 -8.39 24.02 -20.37
CA ARG B 14 -7.95 25.35 -19.96
CA ARG B 14 -7.95 25.35 -19.97
C ARG B 14 -6.57 25.29 -19.32
N ARG B 15 -6.36 24.28 -18.48
CA ARG B 15 -5.05 24.08 -17.87
C ARG B 15 -3.98 23.85 -18.93
N LEU B 16 -4.30 23.07 -19.96
CA LEU B 16 -3.31 22.78 -20.99
C LEU B 16 -3.07 23.95 -21.96
N GLN B 17 -4.07 24.81 -22.13
CA GLN B 17 -3.88 26.02 -22.95
C GLN B 17 -3.31 27.18 -22.11
N LYS B 18 -2.38 26.84 -21.23
CA LYS B 18 -1.80 27.83 -20.32
C LYS B 18 -0.52 27.27 -19.68
N PRO C 23 5.40 -33.38 6.22
CA PRO C 23 4.47 -32.33 6.65
C PRO C 23 4.21 -31.35 5.52
N ASN C 24 5.27 -30.62 5.18
CA ASN C 24 5.29 -29.61 4.14
C ASN C 24 6.48 -28.72 4.43
N ARG C 25 7.56 -28.95 3.71
CA ARG C 25 8.83 -28.36 4.09
C ARG C 25 9.31 -27.38 3.02
N LEU C 26 10.04 -26.35 3.45
CA LEU C 26 10.60 -25.36 2.53
C LEU C 26 12.01 -24.98 2.98
N ILE C 27 12.80 -24.42 2.08
CA ILE C 27 14.18 -24.03 2.40
C ILE C 27 14.26 -22.57 2.80
N VAL C 28 14.81 -22.32 3.98
CA VAL C 28 14.98 -20.97 4.50
C VAL C 28 15.87 -20.09 3.60
N ASP C 29 15.33 -18.98 3.11
CA ASP C 29 16.18 -18.00 2.43
C ASP C 29 16.05 -16.65 3.13
N GLU C 30 16.97 -15.74 2.83
CA GLU C 30 17.00 -14.40 3.42
CA GLU C 30 16.95 -14.42 3.46
C GLU C 30 15.85 -13.52 2.89
N ALA C 31 15.36 -12.61 3.71
CA ALA C 31 14.32 -11.68 3.30
C ALA C 31 14.92 -10.30 3.04
N ILE C 32 14.28 -9.55 2.16
CA ILE C 32 14.64 -8.16 1.94
C ILE C 32 13.57 -7.30 2.62
N ASN C 33 12.44 -7.92 2.95
CA ASN C 33 11.41 -7.30 3.78
C ASN C 33 11.80 -7.58 5.23
N GLU C 34 12.04 -6.52 6.00
CA GLU C 34 12.45 -6.72 7.40
C GLU C 34 11.31 -6.74 8.41
N ASP C 35 10.10 -6.97 7.93
CA ASP C 35 8.93 -7.12 8.77
C ASP C 35 9.04 -8.44 9.55
N ASN C 36 9.01 -8.37 10.88
CA ASN C 36 9.11 -9.56 11.72
C ASN C 36 7.94 -10.49 11.55
N SER C 37 6.85 -9.98 10.99
CA SER C 37 5.59 -10.71 10.98
C SER C 37 5.34 -11.49 9.70
N VAL C 38 6.18 -11.26 8.69
CA VAL C 38 5.91 -11.76 7.35
C VAL C 38 6.91 -12.83 6.87
N VAL C 39 6.39 -13.90 6.28
CA VAL C 39 7.21 -14.79 5.46
C VAL C 39 6.68 -14.76 4.03
N SER C 40 7.56 -14.99 3.07
CA SER C 40 7.20 -14.92 1.65
C SER C 40 7.30 -16.28 1.00
N LEU C 41 6.34 -16.59 0.15
CA LEU C 41 6.38 -17.76 -0.71
C LEU C 41 6.12 -17.33 -2.13
N SER C 42 6.34 -18.23 -3.08
CA SER C 42 5.93 -18.01 -4.47
C SER C 42 4.42 -18.18 -4.60
N GLN C 43 3.81 -17.55 -5.59
CA GLN C 43 2.39 -17.74 -5.84
C GLN C 43 2.03 -19.21 -6.14
N PRO C 44 2.86 -19.89 -6.94
CA PRO C 44 2.68 -21.33 -7.16
C PRO C 44 2.70 -22.14 -5.86
N LYS C 45 3.64 -21.85 -4.96
CA LYS C 45 3.72 -22.62 -3.72
C LYS C 45 2.53 -22.32 -2.83
N MET C 46 1.98 -21.11 -2.96
CA MET C 46 0.81 -20.75 -2.19
C MET C 46 -0.40 -21.47 -2.76
N ASP C 47 -0.53 -21.43 -4.08
CA ASP C 47 -1.59 -22.15 -4.75
C ASP C 47 -1.57 -23.62 -4.34
N GLU C 48 -0.39 -24.21 -4.31
CA GLU C 48 -0.27 -25.62 -3.92
C GLU C 48 -0.78 -25.88 -2.50
N LEU C 49 -0.40 -25.02 -1.55
CA LEU C 49 -0.72 -25.27 -0.16
C LEU C 49 -2.07 -24.67 0.23
N GLN C 50 -2.75 -24.08 -0.75
CA GLN C 50 -4.07 -23.52 -0.53
C GLN C 50 -4.01 -22.34 0.45
N LEU C 51 -2.95 -21.56 0.34
CA LEU C 51 -2.72 -20.39 1.17
C LEU C 51 -3.02 -19.12 0.38
N PHE C 52 -3.48 -18.08 1.07
CA PHE C 52 -3.76 -16.78 0.44
C PHE C 52 -3.11 -15.65 1.20
N ARG C 53 -2.98 -14.49 0.55
CA ARG C 53 -2.28 -13.35 1.15
C ARG C 53 -2.89 -12.93 2.46
N GLY C 54 -2.10 -12.97 3.52
CA GLY C 54 -2.55 -12.55 4.83
C GLY C 54 -2.98 -13.70 5.72
N ASP C 55 -2.90 -14.90 5.18
CA ASP C 55 -3.16 -16.09 5.98
C ASP C 55 -2.09 -16.18 7.06
N THR C 56 -2.50 -16.52 8.27
CA THR C 56 -1.54 -16.84 9.31
C THR C 56 -1.08 -18.27 9.12
N VAL C 57 0.22 -18.49 9.29
CA VAL C 57 0.76 -19.83 9.13
C VAL C 57 1.60 -20.19 10.35
N LEU C 58 1.69 -21.49 10.61
CA LEU C 58 2.53 -21.99 11.67
C LEU C 58 3.83 -22.53 11.08
N LEU C 59 4.96 -22.05 11.59
CA LEU C 59 6.24 -22.51 11.12
C LEU C 59 6.90 -23.36 12.19
N LYS C 60 7.57 -24.43 11.78
CA LYS C 60 8.28 -25.30 12.71
C LYS C 60 9.73 -25.44 12.31
N GLY C 61 10.63 -25.10 13.22
CA GLY C 61 12.06 -25.17 12.98
C GLY C 61 12.77 -26.17 13.88
N LYS C 62 13.95 -25.80 14.37
CA LYS C 62 14.72 -26.69 15.21
C LYS C 62 14.28 -26.59 16.67
N LYS C 63 14.67 -27.58 17.47
CA LYS C 63 14.46 -27.57 18.93
C LYS C 63 13.00 -27.46 19.34
N ARG C 64 12.11 -27.96 18.48
CA ARG C 64 10.68 -27.90 18.73
C ARG C 64 10.20 -26.45 18.80
N ARG C 65 10.92 -25.56 18.13
CA ARG C 65 10.56 -24.17 18.12
C ARG C 65 9.50 -23.93 17.07
N GLU C 66 8.58 -23.02 17.36
CA GLU C 66 7.52 -22.66 16.40
C GLU C 66 7.47 -21.14 16.24
N ALA C 67 6.89 -20.69 15.14
CA ALA C 67 6.64 -19.27 14.93
C ALA C 67 5.33 -19.14 14.19
N VAL C 68 4.65 -18.02 14.39
CA VAL C 68 3.41 -17.75 13.69
C VAL C 68 3.55 -16.46 12.91
N CYS C 69 3.36 -16.56 11.60
CA CYS C 69 3.60 -15.44 10.70
C CYS C 69 2.49 -15.32 9.66
N ILE C 70 2.43 -14.16 9.05
CA ILE C 70 1.51 -13.87 7.96
C ILE C 70 2.23 -14.23 6.64
N VAL C 71 1.52 -14.85 5.71
CA VAL C 71 2.14 -15.22 4.44
C VAL C 71 1.78 -14.25 3.30
N LEU C 72 2.79 -13.78 2.58
CA LEU C 72 2.62 -12.92 1.41
C LEU C 72 3.32 -13.53 0.20
N SER C 73 2.74 -13.36 -0.98
CA SER C 73 3.35 -13.83 -2.21
C SER C 73 4.55 -12.96 -2.59
N ASP C 74 5.48 -13.57 -3.31
CA ASP C 74 6.75 -12.95 -3.59
C ASP C 74 7.28 -13.58 -4.87
N ASP C 75 7.18 -12.86 -5.98
CA ASP C 75 7.60 -13.43 -7.26
CA ASP C 75 7.61 -13.36 -7.28
C ASP C 75 9.12 -13.57 -7.38
N THR C 76 9.84 -13.09 -6.37
CA THR C 76 11.28 -13.27 -6.34
C THR C 76 11.61 -14.59 -5.64
N CYS C 77 10.57 -15.29 -5.21
CA CYS C 77 10.74 -16.49 -4.41
C CYS C 77 10.54 -17.73 -5.26
N SER C 78 11.54 -18.62 -5.27
CA SER C 78 11.43 -19.87 -6.00
C SER C 78 10.52 -20.80 -5.22
N ASP C 79 9.85 -21.69 -5.94
CA ASP C 79 8.81 -22.52 -5.35
C ASP C 79 9.23 -23.28 -4.09
N GLU C 80 10.52 -23.59 -3.96
CA GLU C 80 10.98 -24.41 -2.84
C GLU C 80 11.46 -23.62 -1.62
N LYS C 81 11.53 -22.30 -1.73
CA LYS C 81 12.06 -21.50 -0.64
CA LYS C 81 12.08 -21.47 -0.66
C LYS C 81 11.04 -20.59 0.03
N ILE C 82 11.35 -20.22 1.27
CA ILE C 82 10.57 -19.31 2.06
C ILE C 82 11.51 -18.18 2.51
N ARG C 83 11.14 -16.94 2.23
CA ARG C 83 11.93 -15.82 2.72
C ARG C 83 11.48 -15.46 4.12
N MET C 84 12.44 -15.32 5.04
CA MET C 84 12.15 -14.91 6.40
C MET C 84 13.33 -14.17 7.01
N ASN C 85 13.05 -13.14 7.81
CA ASN C 85 14.11 -12.30 8.36
C ASN C 85 14.79 -12.92 9.58
N ARG C 86 15.84 -12.27 10.06
CA ARG C 86 16.68 -12.83 11.10
C ARG C 86 15.91 -13.15 12.37
N VAL C 87 14.98 -12.26 12.73
CA VAL C 87 14.15 -12.41 13.92
C VAL C 87 13.40 -13.72 13.89
N VAL C 88 12.76 -13.99 12.75
CA VAL C 88 12.04 -15.22 12.56
C VAL C 88 12.98 -16.41 12.58
N ARG C 89 14.06 -16.34 11.82
CA ARG C 89 15.03 -17.43 11.80
C ARG C 89 15.53 -17.76 13.20
N ASN C 90 15.86 -16.73 13.98
CA ASN C 90 16.30 -16.95 15.35
C ASN C 90 15.26 -17.64 16.22
N ASN C 91 14.01 -17.18 16.10
CA ASN C 91 12.94 -17.79 16.88
C ASN C 91 12.83 -19.26 16.55
N LEU C 92 13.11 -19.59 15.29
CA LEU C 92 12.93 -20.95 14.79
C LEU C 92 14.21 -21.75 14.92
N ARG C 93 15.26 -21.11 15.44
CA ARG C 93 16.55 -21.77 15.61
C ARG C 93 17.09 -22.33 14.29
N VAL C 94 17.00 -21.53 13.22
CA VAL C 94 17.45 -21.98 11.91
C VAL C 94 18.37 -20.97 11.23
N ARG C 95 19.08 -21.45 10.22
CA ARG C 95 20.00 -20.65 9.44
C ARG C 95 19.64 -20.77 7.96
N LEU C 96 20.11 -19.83 7.16
CA LEU C 96 19.85 -19.87 5.73
C LEU C 96 20.16 -21.26 5.20
N GLY C 97 19.21 -21.82 4.47
CA GLY C 97 19.43 -23.09 3.83
C GLY C 97 18.80 -24.24 4.60
N ASP C 98 18.61 -24.03 5.90
CA ASP C 98 17.93 -25.03 6.71
C ASP C 98 16.53 -25.30 6.18
N VAL C 99 15.93 -26.37 6.67
CA VAL C 99 14.57 -26.74 6.28
C VAL C 99 13.58 -26.50 7.42
N ILE C 100 12.44 -25.88 7.08
CA ILE C 100 11.34 -25.66 8.01
C ILE C 100 10.08 -26.38 7.50
N SER C 101 9.07 -26.46 8.35
CA SER C 101 7.76 -26.92 7.91
C SER C 101 6.73 -25.78 8.03
N ILE C 102 5.83 -25.72 7.05
CA ILE C 102 4.79 -24.71 7.04
C ILE C 102 3.42 -25.37 6.94
N GLN C 103 2.49 -24.90 7.75
CA GLN C 103 1.10 -25.35 7.70
C GLN C 103 0.18 -24.18 8.01
N PRO C 104 -1.07 -24.24 7.54
CA PRO C 104 -1.99 -23.13 7.81
C PRO C 104 -2.37 -23.08 9.28
N CYS C 105 -2.63 -21.88 9.79
CA CYS C 105 -2.89 -21.69 11.21
C CYS C 105 -4.05 -20.71 11.39
N PRO C 106 -5.28 -21.17 11.09
CA PRO C 106 -6.48 -20.33 11.18
C PRO C 106 -7.08 -20.29 12.59
N ASP C 107 -6.52 -21.07 13.52
CA ASP C 107 -7.08 -21.15 14.85
C ASP C 107 -6.59 -20.02 15.76
N VAL C 108 -5.78 -19.12 15.22
CA VAL C 108 -5.30 -17.98 15.99
C VAL C 108 -6.37 -16.90 15.99
N LYS C 109 -6.57 -16.26 17.14
CA LYS C 109 -7.62 -15.26 17.31
C LYS C 109 -6.99 -13.95 17.78
N TYR C 110 -7.75 -12.86 17.69
CA TYR C 110 -7.30 -11.58 18.26
C TYR C 110 -6.95 -11.80 19.72
N GLY C 111 -5.85 -11.19 20.14
CA GLY C 111 -5.44 -11.30 21.52
C GLY C 111 -6.21 -10.37 22.43
N LYS C 112 -6.51 -10.85 23.62
CA LYS C 112 -7.10 -10.04 24.67
C LYS C 112 -6.00 -9.30 25.40
N ARG C 113 -4.93 -10.01 25.69
CA ARG C 113 -3.83 -9.47 26.47
C ARG C 113 -2.53 -10.14 26.09
N ILE C 114 -1.44 -9.37 26.15
CA ILE C 114 -0.11 -9.92 26.02
C ILE C 114 0.82 -9.32 27.06
N HIS C 115 1.78 -10.13 27.47
CA HIS C 115 2.72 -9.79 28.51
C HIS C 115 4.10 -9.89 27.89
N VAL C 116 4.82 -8.78 27.86
CA VAL C 116 6.16 -8.79 27.29
C VAL C 116 7.20 -8.28 28.27
N LEU C 117 8.46 -8.46 27.89
CA LEU C 117 9.57 -8.22 28.78
C LEU C 117 10.82 -7.84 27.95
N PRO C 118 11.35 -6.64 28.15
CA PRO C 118 12.56 -6.22 27.43
C PRO C 118 13.79 -7.05 27.81
N ILE C 119 14.69 -7.27 26.85
CA ILE C 119 15.92 -8.02 27.09
C ILE C 119 17.00 -7.11 27.68
N ASP C 120 17.60 -7.54 28.79
CA ASP C 120 18.50 -6.69 29.58
C ASP C 120 19.64 -6.05 28.81
N ASP C 121 20.27 -6.82 27.92
CA ASP C 121 21.39 -6.31 27.15
C ASP C 121 21.00 -5.11 26.30
N THR C 122 19.86 -5.23 25.62
CA THR C 122 19.36 -4.16 24.75
C THR C 122 18.90 -2.96 25.56
N THR C 127 17.16 5.73 24.87
CA THR C 127 16.55 4.87 25.88
C THR C 127 15.03 4.97 25.80
N GLY C 128 14.45 5.84 26.62
CA GLY C 128 13.04 6.20 26.49
C GLY C 128 11.99 5.19 26.89
N ASN C 129 10.75 5.65 26.87
CA ASN C 129 9.57 4.87 27.25
C ASN C 129 9.35 3.65 26.35
N LEU C 130 9.43 2.45 26.94
CA LEU C 130 9.26 1.22 26.16
C LEU C 130 7.94 1.17 25.41
N PHE C 131 6.86 1.56 26.07
CA PHE C 131 5.54 1.53 25.43
C PHE C 131 5.35 2.62 24.38
N GLU C 132 5.68 3.86 24.72
CA GLU C 132 5.44 4.97 23.81
C GLU C 132 6.42 4.97 22.65
N VAL C 133 7.66 4.58 22.93
CA VAL C 133 8.73 4.62 21.94
C VAL C 133 8.81 3.35 21.08
N TYR C 134 8.55 2.19 21.68
CA TYR C 134 8.74 0.95 20.96
C TYR C 134 7.45 0.19 20.69
N LEU C 135 6.83 -0.31 21.76
CA LEU C 135 5.77 -1.30 21.62
C LEU C 135 4.56 -0.77 20.89
N LYS C 136 4.11 0.43 21.25
CA LYS C 136 2.91 0.98 20.64
C LYS C 136 3.05 1.22 19.15
N PRO C 137 4.12 1.90 18.73
CA PRO C 137 4.31 2.11 17.28
C PRO C 137 4.51 0.78 16.55
N TYR C 138 5.11 -0.20 17.22
CA TYR C 138 5.34 -1.51 16.64
C TYR C 138 4.00 -2.21 16.37
N PHE C 139 3.09 -2.16 17.33
CA PHE C 139 1.83 -2.91 17.22
C PHE C 139 0.66 -2.11 16.67
N LEU C 140 0.78 -0.79 16.70
CA LEU C 140 -0.33 0.10 16.35
C LEU C 140 -0.92 -0.22 14.98
N GLU C 141 -2.12 -0.80 14.98
CA GLU C 141 -2.84 -1.07 13.74
C GLU C 141 -2.12 -2.09 12.85
N ALA C 142 -1.13 -2.80 13.42
CA ALA C 142 -0.26 -3.67 12.64
C ALA C 142 -0.78 -5.10 12.51
N TYR C 143 -1.70 -5.49 13.38
CA TYR C 143 -2.27 -6.83 13.36
C TYR C 143 -1.21 -7.94 13.26
N ARG C 144 -0.18 -7.83 14.09
CA ARG C 144 0.90 -8.81 14.13
C ARG C 144 0.52 -10.03 14.94
N PRO C 145 0.68 -11.22 14.35
CA PRO C 145 0.53 -12.47 15.11
C PRO C 145 1.80 -12.71 15.91
N ILE C 146 1.68 -13.14 17.15
CA ILE C 146 2.84 -13.45 17.95
C ILE C 146 2.62 -14.75 18.69
N ARG C 147 3.70 -15.34 19.16
CA ARG C 147 3.64 -16.58 19.87
C ARG C 147 4.38 -16.42 21.17
N LYS C 148 3.83 -17.00 22.22
CA LYS C 148 4.52 -17.09 23.50
C LYS C 148 5.92 -17.65 23.27
N GLY C 149 6.93 -16.99 23.84
CA GLY C 149 8.31 -17.40 23.67
C GLY C 149 9.07 -16.61 22.63
N ASP C 150 8.34 -15.94 21.73
CA ASP C 150 8.97 -15.13 20.70
C ASP C 150 9.93 -14.13 21.32
N ILE C 151 11.05 -13.91 20.66
CA ILE C 151 11.86 -12.71 20.87
C ILE C 151 11.68 -11.87 19.63
N PHE C 152 11.30 -10.61 19.80
CA PHE C 152 11.21 -9.74 18.64
C PHE C 152 11.97 -8.45 18.82
N LEU C 153 12.43 -7.88 17.72
CA LEU C 153 13.23 -6.67 17.73
C LEU C 153 12.40 -5.49 17.25
N VAL C 154 12.38 -4.42 18.03
CA VAL C 154 11.68 -3.21 17.64
C VAL C 154 12.68 -2.08 17.52
N ARG C 155 12.67 -1.39 16.38
CA ARG C 155 13.57 -0.27 16.17
C ARG C 155 12.84 0.99 16.56
N GLY C 156 13.49 1.84 17.34
CA GLY C 156 12.86 3.07 17.77
C GLY C 156 13.86 3.98 18.45
N GLY C 157 13.45 5.21 18.73
CA GLY C 157 14.34 6.19 19.34
C GLY C 157 15.60 6.33 18.51
N MET C 158 16.68 5.76 19.01
CA MET C 158 17.94 5.71 18.29
C MET C 158 18.60 4.36 18.55
N ARG C 159 17.83 3.46 19.17
CA ARG C 159 18.28 2.11 19.50
C ARG C 159 17.22 1.09 19.14
N ALA C 160 17.66 -0.08 18.75
CA ALA C 160 16.75 -1.21 18.61
C ALA C 160 16.67 -1.92 19.95
N VAL C 161 15.45 -2.27 20.37
CA VAL C 161 15.25 -2.99 21.62
C VAL C 161 14.56 -4.34 21.35
N GLU C 162 15.05 -5.39 22.02
CA GLU C 162 14.44 -6.71 21.94
C GLU C 162 13.47 -6.98 23.09
N PHE C 163 12.35 -7.63 22.78
CA PHE C 163 11.37 -8.01 23.78
C PHE C 163 11.10 -9.50 23.67
N LYS C 164 10.86 -10.15 24.81
CA LYS C 164 10.41 -11.52 24.82
C LYS C 164 8.92 -11.56 25.15
N VAL C 165 8.19 -12.45 24.49
CA VAL C 165 6.77 -12.63 24.79
C VAL C 165 6.57 -13.65 25.92
N VAL C 166 6.10 -13.14 27.06
CA VAL C 166 6.00 -13.94 28.29
C VAL C 166 4.68 -14.69 28.34
N GLU C 167 3.61 -14.06 27.85
CA GLU C 167 2.28 -14.63 27.91
C GLU C 167 1.43 -14.05 26.80
N THR C 168 0.52 -14.86 26.27
CA THR C 168 -0.52 -14.36 25.37
C THR C 168 -1.88 -14.94 25.77
N ASP C 169 -2.93 -14.17 25.53
CA ASP C 169 -4.30 -14.61 25.80
C ASP C 169 -5.16 -14.20 24.60
N PRO C 170 -5.64 -15.19 23.81
CA PRO C 170 -5.52 -16.64 23.98
C PRO C 170 -4.09 -17.14 23.85
N SER C 171 -3.82 -18.29 24.45
CA SER C 171 -2.49 -18.87 24.42
C SER C 171 -2.49 -20.01 23.40
N PRO C 172 -1.33 -20.34 22.80
CA PRO C 172 -0.01 -19.75 22.99
C PRO C 172 0.32 -18.72 21.91
N TYR C 173 -0.67 -18.39 21.08
CA TYR C 173 -0.49 -17.38 20.04
C TYR C 173 -1.76 -16.59 19.78
N CYS C 174 -1.60 -15.38 19.25
CA CYS C 174 -2.71 -14.48 18.99
C CYS C 174 -2.30 -13.37 18.03
N ILE C 175 -3.29 -12.69 17.48
CA ILE C 175 -3.04 -11.51 16.66
C ILE C 175 -3.22 -10.27 17.53
N VAL C 176 -2.20 -9.43 17.58
CA VAL C 176 -2.24 -8.25 18.43
C VAL C 176 -3.07 -7.16 17.75
N ALA C 177 -4.24 -6.89 18.33
CA ALA C 177 -5.26 -6.04 17.73
C ALA C 177 -5.40 -4.72 18.48
N PRO C 178 -6.12 -3.76 17.89
CA PRO C 178 -6.32 -2.40 18.45
C PRO C 178 -6.77 -2.38 19.91
N ASP C 179 -7.48 -3.42 20.35
CA ASP C 179 -8.01 -3.46 21.71
C ASP C 179 -7.13 -4.26 22.65
N THR C 180 -6.08 -4.87 22.12
CA THR C 180 -5.23 -5.73 22.91
C THR C 180 -4.52 -4.96 24.01
N VAL C 181 -4.52 -5.49 25.23
CA VAL C 181 -3.90 -4.83 26.35
C VAL C 181 -2.51 -5.37 26.55
N ILE C 182 -1.52 -4.49 26.38
CA ILE C 182 -0.11 -4.87 26.50
C ILE C 182 0.43 -4.56 27.86
N HIS C 183 0.93 -5.57 28.56
CA HIS C 183 1.69 -5.31 29.76
C HIS C 183 3.15 -5.46 29.46
N CYS C 184 3.95 -4.48 29.87
CA CYS C 184 5.39 -4.53 29.72
C CYS C 184 6.04 -4.36 31.08
N GLU C 185 6.93 -5.28 31.43
CA GLU C 185 7.67 -5.14 32.67
C GLU C 185 8.73 -4.08 32.46
N GLY C 186 8.62 -2.98 33.20
CA GLY C 186 9.52 -1.86 32.99
C GLY C 186 8.89 -0.79 32.12
N GLU C 187 8.91 0.44 32.61
CA GLU C 187 8.40 1.56 31.83
C GLU C 187 9.42 1.97 30.78
N VAL D 1 -18.35 -5.76 5.18
CA VAL D 1 -17.65 -6.73 6.00
C VAL D 1 -16.26 -7.10 5.43
N THR D 2 -15.29 -7.29 6.32
CA THR D 2 -13.92 -7.54 5.90
C THR D 2 -13.43 -8.93 6.26
N LEU D 3 -12.87 -9.60 5.27
CA LEU D 3 -12.19 -10.85 5.54
C LEU D 3 -10.95 -10.53 6.36
N ARG D 4 -10.75 -11.28 7.44
CA ARG D 4 -9.64 -11.02 8.34
C ARG D 4 -8.25 -11.04 7.66
N ARG D 5 -7.97 -12.08 6.87
CA ARG D 5 -6.66 -12.15 6.20
C ARG D 5 -6.36 -10.91 5.35
N ARG D 6 -7.37 -10.33 4.72
CA ARG D 6 -7.16 -9.14 3.90
C ARG D 6 -6.67 -7.97 4.74
N MET D 7 -7.09 -7.96 6.00
CA MET D 7 -6.73 -6.91 6.95
C MET D 7 -5.28 -7.02 7.41
N LEU D 8 -4.84 -8.25 7.66
CA LEU D 8 -3.47 -8.49 8.05
C LEU D 8 -2.52 -8.20 6.89
N ALA D 9 -2.92 -8.60 5.69
CA ALA D 9 -2.10 -8.42 4.50
C ALA D 9 -1.96 -6.95 4.10
N ALA D 10 -3.07 -6.22 4.19
CA ALA D 10 -3.09 -4.81 3.86
C ALA D 10 -2.11 -4.02 4.71
N ALA D 11 -2.10 -4.30 6.01
CA ALA D 11 -1.22 -3.63 6.96
C ALA D 11 0.23 -3.98 6.68
N ALA D 12 0.46 -5.23 6.29
CA ALA D 12 1.79 -5.70 5.95
C ALA D 12 2.27 -5.04 4.67
N GLU D 13 1.40 -4.97 3.67
CA GLU D 13 1.77 -4.39 2.38
C GLU D 13 2.00 -2.89 2.53
N ARG D 14 1.42 -2.31 3.58
CA ARG D 14 1.60 -0.89 3.85
C ARG D 14 2.92 -0.59 4.56
N ARG D 15 3.33 -1.48 5.46
CA ARG D 15 4.65 -1.38 6.09
C ARG D 15 5.73 -1.60 5.04
N LEU D 16 5.44 -2.47 4.08
CA LEU D 16 6.37 -2.79 3.00
C LEU D 16 6.74 -1.57 2.15
N GLN D 17 5.74 -0.79 1.77
CA GLN D 17 5.97 0.35 0.89
C GLN D 17 6.54 1.52 1.68
N LYS D 18 7.08 1.22 2.85
CA LYS D 18 7.57 2.25 3.76
C LYS D 18 9.03 2.08 4.19
N GLN D 19 9.55 0.86 4.08
CA GLN D 19 10.89 0.54 4.62
C GLN D 19 12.05 0.91 3.71
#